data_4DZP
#
_entry.id   4DZP
#
_cell.length_a   89.060
_cell.length_b   89.060
_cell.length_c   72.800
_cell.angle_alpha   90.00
_cell.angle_beta   90.00
_cell.angle_gamma   90.00
#
_symmetry.space_group_name_H-M   'P 4 21 2'
#
loop_
_entity.id
_entity.type
_entity.pdbx_description
1 polymer 'Gene 1 protein'
2 water water
#
_entity_poly.entity_id   1
_entity_poly.type   'polypeptide(L)'
_entity_poly.pdbx_seq_one_letter_code
;MATEPKAGRPSDYMPEVADDICSLLSSGESLLKVCKRPGMPDKSTVFAWLAKHEDFRDKYAKATEARADSIFEEIFEIAD
NAIPDAAEVAKARLRVDTRKWALARMNPRKYGDKVTNELVGKDGGAIQIETSPMSTLFGK
;
_entity_poly.pdbx_strand_id   A,B
#
# COMPACT_ATOMS: atom_id res chain seq x y z
N PRO A 10 -24.81 -4.00 22.70
CA PRO A 10 -24.16 -5.27 22.37
C PRO A 10 -22.68 -5.26 22.76
N SER A 11 -22.35 -5.89 23.89
CA SER A 11 -20.99 -5.84 24.41
C SER A 11 -20.32 -7.22 24.50
N ASP A 12 -21.13 -8.27 24.59
CA ASP A 12 -20.62 -9.63 24.75
C ASP A 12 -19.94 -10.14 23.48
N TYR A 13 -18.69 -10.57 23.61
CA TYR A 13 -17.96 -11.14 22.48
C TYR A 13 -18.77 -12.25 21.82
N MET A 14 -19.02 -12.09 20.53
CA MET A 14 -19.77 -13.10 19.78
C MET A 14 -19.18 -13.37 18.40
N PRO A 15 -18.63 -14.58 18.20
CA PRO A 15 -18.16 -14.99 16.88
C PRO A 15 -19.30 -14.83 15.88
N GLU A 16 -18.99 -14.92 14.58
CA GLU A 16 -19.98 -14.71 13.54
C GLU A 16 -20.28 -13.22 13.39
N VAL A 17 -20.43 -12.53 14.52
CA VAL A 17 -20.57 -11.08 14.49
C VAL A 17 -19.19 -10.48 14.23
N ALA A 18 -18.18 -11.00 14.92
CA ALA A 18 -16.80 -10.61 14.70
C ALA A 18 -16.39 -11.09 13.32
N ASP A 19 -16.83 -12.29 12.97
CA ASP A 19 -16.61 -12.82 11.64
C ASP A 19 -17.23 -11.89 10.60
N ASP A 20 -18.37 -11.30 10.94
CA ASP A 20 -19.07 -10.38 10.06
C ASP A 20 -18.24 -9.12 9.80
N ILE A 21 -17.79 -8.50 10.89
CA ILE A 21 -17.01 -7.28 10.83
C ILE A 21 -15.81 -7.43 9.91
N CYS A 22 -15.12 -8.56 10.07
CA CYS A 22 -13.95 -8.87 9.26
C CYS A 22 -14.28 -8.88 7.79
N SER A 23 -15.30 -9.64 7.41
CA SER A 23 -15.69 -9.71 6.01
C SER A 23 -16.02 -8.31 5.51
N LEU A 24 -16.52 -7.47 6.41
CA LEU A 24 -16.88 -6.10 6.06
C LEU A 24 -15.64 -5.26 5.80
N LEU A 25 -14.70 -5.30 6.74
CA LEU A 25 -13.43 -4.61 6.57
C LEU A 25 -12.70 -5.17 5.35
N SER A 26 -12.71 -6.49 5.23
CA SER A 26 -12.06 -7.18 4.12
C SER A 26 -12.57 -6.73 2.77
N SER A 27 -13.79 -6.18 2.74
CA SER A 27 -14.35 -5.69 1.50
C SER A 27 -14.08 -4.20 1.32
N GLY A 28 -13.26 -3.64 2.21
CA GLY A 28 -12.80 -2.27 2.07
C GLY A 28 -13.44 -1.29 3.02
N GLU A 29 -14.47 -1.72 3.73
CA GLU A 29 -15.19 -0.85 4.65
C GLU A 29 -14.37 -0.56 5.90
N SER A 30 -14.41 0.69 6.37
CA SER A 30 -13.66 1.09 7.55
C SER A 30 -14.39 0.70 8.84
N LEU A 31 -13.66 0.70 9.96
CA LEU A 31 -14.22 0.26 11.25
C LEU A 31 -15.36 1.17 11.72
N LEU A 32 -15.21 2.47 11.54
CA LEU A 32 -16.24 3.43 11.90
C LEU A 32 -17.58 3.08 11.27
N LYS A 33 -17.59 2.91 9.96
CA LYS A 33 -18.82 2.59 9.23
C LYS A 33 -19.40 1.27 9.70
N VAL A 34 -18.53 0.29 9.92
CA VAL A 34 -18.96 -1.02 10.38
C VAL A 34 -19.68 -0.90 11.72
N CYS A 35 -19.17 -0.02 12.57
CA CYS A 35 -19.69 0.13 13.92
C CYS A 35 -20.92 1.02 13.98
N LYS A 36 -21.16 1.78 12.90
CA LYS A 36 -22.30 2.67 12.84
C LYS A 36 -23.54 1.93 12.34
N ARG A 37 -23.37 0.67 11.97
CA ARG A 37 -24.49 -0.15 11.55
C ARG A 37 -25.27 -0.65 12.76
N PRO A 38 -26.59 -0.82 12.60
CA PRO A 38 -27.47 -1.30 13.67
C PRO A 38 -27.09 -2.71 14.13
N GLY A 39 -27.05 -2.91 15.44
CA GLY A 39 -26.71 -4.20 16.00
C GLY A 39 -25.21 -4.44 16.04
N MET A 40 -24.45 -3.43 15.62
CA MET A 40 -22.99 -3.52 15.63
C MET A 40 -22.42 -2.92 16.90
N PRO A 41 -21.44 -3.60 17.51
CA PRO A 41 -20.81 -3.11 18.73
C PRO A 41 -20.11 -1.80 18.43
N ASP A 42 -19.95 -0.93 19.43
CA ASP A 42 -19.23 0.30 19.21
C ASP A 42 -17.73 0.00 19.08
N LYS A 43 -16.97 0.98 18.62
CA LYS A 43 -15.52 0.84 18.50
C LYS A 43 -14.88 0.19 19.72
N SER A 44 -15.16 0.73 20.90
CA SER A 44 -14.54 0.27 22.13
C SER A 44 -14.77 -1.22 22.33
N THR A 45 -15.99 -1.66 22.05
CA THR A 45 -16.37 -3.06 22.21
C THR A 45 -15.60 -3.96 21.24
N VAL A 46 -15.45 -3.50 20.01
CA VAL A 46 -14.66 -4.24 19.03
C VAL A 46 -13.23 -4.43 19.55
N PHE A 47 -12.66 -3.36 20.09
CA PHE A 47 -11.29 -3.43 20.61
C PHE A 47 -11.20 -4.35 21.83
N ALA A 48 -12.09 -4.13 22.80
CA ALA A 48 -12.15 -5.00 23.96
C ALA A 48 -12.07 -6.46 23.52
N TRP A 49 -12.99 -6.85 22.65
CA TRP A 49 -13.00 -8.19 22.07
C TRP A 49 -11.62 -8.61 21.62
N LEU A 50 -11.12 -7.99 20.55
CA LEU A 50 -9.78 -8.25 20.06
C LEU A 50 -8.78 -8.50 21.19
N ALA A 51 -8.71 -7.56 22.14
CA ALA A 51 -7.73 -7.63 23.21
C ALA A 51 -7.78 -8.93 24.00
N LYS A 52 -8.99 -9.45 24.22
CA LYS A 52 -9.16 -10.64 25.05
C LYS A 52 -9.35 -11.94 24.25
N HIS A 53 -9.36 -11.83 22.93
CA HIS A 53 -9.48 -13.01 22.07
C HIS A 53 -8.43 -13.03 20.97
N GLU A 54 -7.50 -13.96 21.06
CA GLU A 54 -6.41 -14.07 20.10
C GLU A 54 -6.90 -14.55 18.72
N ASP A 55 -7.98 -15.31 18.71
CA ASP A 55 -8.53 -15.81 17.45
C ASP A 55 -9.08 -14.66 16.61
N PHE A 56 -9.75 -13.72 17.27
CA PHE A 56 -10.30 -12.56 16.59
C PHE A 56 -9.18 -11.64 16.13
N ARG A 57 -8.13 -11.52 16.94
CA ARG A 57 -6.98 -10.69 16.59
C ARG A 57 -6.41 -11.10 15.24
N ASP A 58 -6.41 -12.41 14.99
CA ASP A 58 -5.81 -12.96 13.79
C ASP A 58 -6.68 -12.71 12.56
N LYS A 59 -7.94 -13.10 12.65
CA LYS A 59 -8.89 -12.93 11.54
C LYS A 59 -9.05 -11.46 11.18
N TYR A 60 -9.00 -10.61 12.20
CA TYR A 60 -9.09 -9.18 12.02
C TYR A 60 -7.85 -8.69 11.28
N ALA A 61 -6.70 -9.28 11.59
CA ALA A 61 -5.44 -8.92 10.97
C ALA A 61 -5.45 -9.12 9.46
N LYS A 62 -6.05 -10.21 9.01
CA LYS A 62 -6.11 -10.50 7.57
C LYS A 62 -7.13 -9.62 6.88
N ALA A 63 -8.21 -9.31 7.59
CA ALA A 63 -9.19 -8.35 7.10
C ALA A 63 -8.51 -7.00 6.93
N THR A 64 -7.60 -6.68 7.84
CA THR A 64 -6.87 -5.41 7.80
C THR A 64 -5.95 -5.39 6.59
N GLU A 65 -5.36 -6.53 6.26
CA GLU A 65 -4.52 -6.59 5.06
C GLU A 65 -5.35 -6.48 3.78
N ALA A 66 -6.56 -7.05 3.79
CA ALA A 66 -7.46 -6.91 2.66
C ALA A 66 -7.93 -5.47 2.53
N ARG A 67 -8.23 -4.84 3.67
CA ARG A 67 -8.62 -3.43 3.67
C ARG A 67 -7.52 -2.56 3.06
N ALA A 68 -6.27 -2.87 3.39
CA ALA A 68 -5.12 -2.14 2.83
C ALA A 68 -5.08 -2.24 1.31
N ASP A 69 -5.32 -3.44 0.79
CA ASP A 69 -5.31 -3.63 -0.65
C ASP A 69 -6.38 -2.77 -1.33
N SER A 70 -7.53 -2.59 -0.67
CA SER A 70 -8.58 -1.75 -1.22
C SER A 70 -8.23 -0.27 -1.20
N ILE A 71 -7.64 0.16 -0.08
CA ILE A 71 -7.22 1.54 0.08
C ILE A 71 -6.14 1.89 -0.93
N PHE A 72 -5.26 0.93 -1.22
CA PHE A 72 -4.20 1.15 -2.21
C PHE A 72 -4.79 1.59 -3.55
N GLU A 73 -5.91 1.00 -3.95
CA GLU A 73 -6.50 1.43 -5.21
C GLU A 73 -7.25 2.74 -5.06
N GLU A 74 -7.82 2.97 -3.90
CA GLU A 74 -8.51 4.24 -3.61
C GLU A 74 -7.62 5.46 -3.79
N ILE A 75 -6.34 5.37 -3.43
CA ILE A 75 -5.50 6.56 -3.49
C ILE A 75 -5.34 7.09 -4.92
N PHE A 76 -5.32 6.21 -5.91
CA PHE A 76 -5.24 6.64 -7.30
C PHE A 76 -6.46 7.48 -7.68
N GLU A 77 -7.63 7.01 -7.26
CA GLU A 77 -8.86 7.70 -7.59
C GLU A 77 -8.95 9.05 -6.88
N ILE A 78 -8.56 9.10 -5.61
CA ILE A 78 -8.59 10.37 -4.88
C ILE A 78 -7.70 11.40 -5.57
N ALA A 79 -6.51 10.97 -6.00
CA ALA A 79 -5.58 11.89 -6.66
C ALA A 79 -6.08 12.31 -8.03
N ASP A 80 -6.47 11.33 -8.84
CA ASP A 80 -6.83 11.60 -10.24
C ASP A 80 -8.13 12.38 -10.37
N ASN A 81 -9.04 12.14 -9.45
CA ASN A 81 -10.36 12.81 -9.50
C ASN A 81 -10.47 14.05 -8.63
N ALA A 82 -9.35 14.54 -8.10
CA ALA A 82 -9.39 15.72 -7.24
C ALA A 82 -9.97 16.92 -7.99
N ILE A 83 -10.82 17.70 -7.32
CA ILE A 83 -11.33 18.93 -7.91
C ILE A 83 -10.20 19.96 -8.00
N PRO A 84 -9.99 20.53 -9.19
CA PRO A 84 -8.92 21.48 -9.51
C PRO A 84 -9.10 22.84 -8.83
N ASP A 85 -9.29 22.81 -7.51
CA ASP A 85 -9.43 24.01 -6.70
C ASP A 85 -8.45 23.92 -5.54
N ALA A 86 -7.83 25.03 -5.15
CA ALA A 86 -6.72 24.99 -4.19
C ALA A 86 -7.02 24.17 -2.93
N ALA A 87 -8.11 24.51 -2.24
CA ALA A 87 -8.45 23.83 -1.00
C ALA A 87 -8.85 22.37 -1.22
N GLU A 88 -9.52 22.09 -2.34
CA GLU A 88 -9.90 20.71 -2.64
C GLU A 88 -8.67 19.86 -2.96
N VAL A 89 -7.69 20.44 -3.64
CA VAL A 89 -6.48 19.66 -3.94
C VAL A 89 -5.69 19.43 -2.66
N ALA A 90 -5.61 20.45 -1.80
CA ALA A 90 -4.98 20.30 -0.49
C ALA A 90 -5.67 19.22 0.35
N LYS A 91 -7.00 19.15 0.28
CA LYS A 91 -7.75 18.13 0.99
C LYS A 91 -7.48 16.73 0.43
N ALA A 92 -7.47 16.63 -0.89
CA ALA A 92 -7.17 15.36 -1.55
C ALA A 92 -5.76 14.89 -1.18
N ARG A 93 -4.82 15.82 -1.16
CA ARG A 93 -3.45 15.48 -0.76
C ARG A 93 -3.40 14.97 0.68
N LEU A 94 -4.16 15.59 1.57
CA LEU A 94 -4.23 15.12 2.96
C LEU A 94 -4.87 13.73 3.02
N ARG A 95 -5.91 13.49 2.22
CA ARG A 95 -6.56 12.19 2.25
C ARG A 95 -5.61 11.11 1.78
N VAL A 96 -4.85 11.41 0.73
CA VAL A 96 -3.90 10.45 0.17
C VAL A 96 -2.74 10.21 1.12
N ASP A 97 -2.18 11.29 1.66
CA ASP A 97 -1.05 11.17 2.57
C ASP A 97 -1.41 10.36 3.81
N THR A 98 -2.62 10.54 4.32
CA THR A 98 -3.05 9.81 5.48
C THR A 98 -3.16 8.31 5.16
N ARG A 99 -3.71 8.01 4.00
CA ARG A 99 -3.83 6.62 3.58
C ARG A 99 -2.45 5.98 3.34
N LYS A 100 -1.53 6.72 2.72
CA LYS A 100 -0.20 6.15 2.45
C LYS A 100 0.47 5.77 3.77
N TRP A 101 0.37 6.65 4.75
CA TRP A 101 0.99 6.44 6.03
C TRP A 101 0.34 5.22 6.69
N ALA A 102 -0.98 5.17 6.63
CA ALA A 102 -1.72 4.08 7.27
C ALA A 102 -1.41 2.72 6.64
N LEU A 103 -1.27 2.70 5.31
CA LEU A 103 -1.06 1.44 4.61
C LEU A 103 0.20 0.73 5.09
N ALA A 104 1.25 1.51 5.35
CA ALA A 104 2.51 0.92 5.81
C ALA A 104 2.31 0.23 7.15
N ARG A 105 1.39 0.74 7.96
CA ARG A 105 1.12 0.11 9.26
C ARG A 105 0.18 -1.08 9.15
N MET A 106 -0.70 -1.07 8.15
CA MET A 106 -1.62 -2.18 7.99
C MET A 106 -0.96 -3.42 7.39
N ASN A 107 -0.01 -3.19 6.47
CA ASN A 107 0.77 -4.29 5.93
C ASN A 107 2.21 -3.84 5.71
N PRO A 108 3.04 -3.91 6.75
CA PRO A 108 4.37 -3.31 6.65
C PRO A 108 5.28 -3.97 5.60
N ARG A 109 5.17 -5.28 5.47
CA ARG A 109 6.02 -5.98 4.51
C ARG A 109 5.69 -5.54 3.07
N LYS A 110 4.42 -5.26 2.81
CA LYS A 110 3.98 -4.89 1.47
C LYS A 110 4.05 -3.38 1.19
N TYR A 111 3.58 -2.59 2.14
CA TYR A 111 3.40 -1.16 1.91
C TYR A 111 4.42 -0.28 2.63
N GLY A 112 5.36 -0.90 3.34
CA GLY A 112 6.43 -0.11 3.96
C GLY A 112 7.36 0.51 2.91
N ASP A 113 8.26 1.39 3.35
CA ASP A 113 9.20 2.03 2.45
C ASP A 113 10.15 0.99 1.88
N LYS A 114 10.70 1.28 0.71
CA LYS A 114 11.58 0.36 0.01
C LYS A 114 12.86 1.09 -0.32
N VAL A 115 13.99 0.60 0.19
CA VAL A 115 15.28 1.22 -0.11
C VAL A 115 16.27 0.13 -0.49
N THR A 116 17.16 0.41 -1.44
CA THR A 116 18.28 -0.48 -1.71
C THR A 116 19.50 0.33 -1.34
N ASN A 117 20.26 -0.15 -0.36
CA ASN A 117 21.48 0.54 0.09
C ASN A 117 22.69 -0.20 -0.42
N GLU A 118 23.48 0.47 -1.26
CA GLU A 118 24.76 -0.09 -1.69
C GLU A 118 25.80 0.38 -0.67
N LEU A 119 26.33 -0.56 0.10
CA LEU A 119 27.23 -0.27 1.22
C LEU A 119 28.68 -0.45 0.76
N VAL A 120 29.45 0.63 0.84
CA VAL A 120 30.85 0.58 0.45
C VAL A 120 31.66 1.27 1.54
N GLY A 121 32.98 1.13 1.45
CA GLY A 121 33.88 1.71 2.43
C GLY A 121 34.51 3.00 1.96
N LYS A 122 35.47 3.49 2.72
CA LYS A 122 36.10 4.77 2.43
C LYS A 122 36.59 4.81 0.99
N ASP A 123 36.26 5.90 0.29
CA ASP A 123 36.69 6.11 -1.09
C ASP A 123 36.21 5.01 -2.03
N GLY A 124 35.15 4.30 -1.65
CA GLY A 124 34.61 3.26 -2.50
C GLY A 124 35.37 1.96 -2.43
N GLY A 125 36.32 1.87 -1.50
CA GLY A 125 37.06 0.64 -1.27
C GLY A 125 36.27 -0.23 -0.32
N ALA A 126 36.91 -1.25 0.26
CA ALA A 126 36.23 -2.13 1.18
C ALA A 126 35.90 -1.40 2.48
N ILE A 127 34.87 -1.85 3.16
CA ILE A 127 34.50 -1.29 4.45
C ILE A 127 35.58 -1.70 5.46
N GLN A 128 36.23 -0.71 6.08
CA GLN A 128 37.33 -0.97 7.01
C GLN A 128 36.85 -1.06 8.46
N ILE A 129 37.13 -2.18 9.11
CA ILE A 129 36.75 -2.36 10.50
C ILE A 129 37.98 -2.74 11.32
N GLU A 130 38.09 -2.18 12.52
CA GLU A 130 39.10 -2.61 13.49
C GLU A 130 38.37 -3.15 14.70
N THR A 131 38.78 -4.29 15.22
CA THR A 131 38.12 -4.85 16.40
C THR A 131 39.11 -5.00 17.56
N SER A 132 38.63 -4.83 18.79
CA SER A 132 39.47 -5.08 19.95
C SER A 132 39.25 -6.51 20.45
N PRO B 10 -21.67 -8.72 -12.92
CA PRO B 10 -21.03 -10.04 -12.88
C PRO B 10 -20.45 -10.34 -11.51
N SER B 11 -20.88 -11.45 -10.90
CA SER B 11 -20.31 -11.88 -9.62
C SER B 11 -19.51 -13.16 -9.79
N ASP B 12 -20.04 -14.09 -10.57
CA ASP B 12 -19.33 -15.34 -10.85
C ASP B 12 -18.02 -15.05 -11.59
N TYR B 13 -16.97 -15.79 -11.23
CA TYR B 13 -15.66 -15.66 -11.88
C TYR B 13 -15.74 -15.90 -13.37
N MET B 14 -15.21 -14.96 -14.14
CA MET B 14 -15.21 -15.06 -15.59
C MET B 14 -13.82 -14.78 -16.14
N PRO B 15 -13.10 -15.85 -16.50
CA PRO B 15 -11.71 -15.74 -16.98
C PRO B 15 -11.55 -14.75 -18.12
N GLU B 16 -12.49 -14.68 -19.06
CA GLU B 16 -12.38 -13.72 -20.16
C GLU B 16 -12.31 -12.29 -19.63
N VAL B 17 -13.12 -12.00 -18.62
CA VAL B 17 -13.17 -10.68 -18.01
C VAL B 17 -11.91 -10.42 -17.18
N ALA B 18 -11.46 -11.43 -16.45
CA ALA B 18 -10.22 -11.33 -15.68
C ALA B 18 -9.02 -11.04 -16.58
N ASP B 19 -9.01 -11.69 -17.74
CA ASP B 19 -7.94 -11.50 -18.72
C ASP B 19 -7.93 -10.06 -19.19
N ASP B 20 -9.11 -9.54 -19.52
CA ASP B 20 -9.26 -8.14 -19.93
C ASP B 20 -8.78 -7.18 -18.85
N ILE B 21 -9.13 -7.49 -17.60
CA ILE B 21 -8.70 -6.66 -16.48
C ILE B 21 -7.18 -6.60 -16.47
N CYS B 22 -6.54 -7.76 -16.57
CA CYS B 22 -5.07 -7.81 -16.56
C CYS B 22 -4.47 -6.97 -17.69
N SER B 23 -5.07 -7.03 -18.88
CA SER B 23 -4.57 -6.25 -20.00
C SER B 23 -4.67 -4.75 -19.77
N LEU B 24 -5.81 -4.29 -19.26
CA LEU B 24 -6.01 -2.87 -19.00
C LEU B 24 -5.07 -2.39 -17.91
N LEU B 25 -4.97 -3.13 -16.81
CA LEU B 25 -4.04 -2.76 -15.75
C LEU B 25 -2.61 -2.70 -16.28
N SER B 26 -2.24 -3.67 -17.11
CA SER B 26 -0.90 -3.76 -17.67
C SER B 26 -0.53 -2.47 -18.38
N SER B 27 -1.52 -1.82 -18.95
CA SER B 27 -1.31 -0.64 -19.78
C SER B 27 -1.24 0.63 -18.93
N GLY B 28 -1.47 0.51 -17.63
CA GLY B 28 -1.29 1.63 -16.73
C GLY B 28 -2.55 2.09 -16.02
N GLU B 29 -3.70 1.59 -16.46
CA GLU B 29 -4.97 2.01 -15.89
C GLU B 29 -5.17 1.48 -14.47
N SER B 30 -5.77 2.29 -13.61
CA SER B 30 -6.02 1.89 -12.22
C SER B 30 -7.22 0.97 -12.09
N LEU B 31 -7.23 0.12 -11.06
CA LEU B 31 -8.31 -0.86 -10.91
C LEU B 31 -9.70 -0.22 -10.79
N LEU B 32 -9.83 0.81 -9.97
CA LEU B 32 -11.15 1.44 -9.79
C LEU B 32 -11.63 2.01 -11.13
N LYS B 33 -10.71 2.56 -11.90
CA LYS B 33 -11.06 3.10 -13.21
C LYS B 33 -11.48 1.97 -14.15
N VAL B 34 -10.75 0.86 -14.12
CA VAL B 34 -11.11 -0.30 -14.95
C VAL B 34 -12.51 -0.80 -14.60
N CYS B 35 -12.82 -0.83 -13.31
CA CYS B 35 -14.09 -1.37 -12.85
C CYS B 35 -15.31 -0.51 -13.20
N LYS B 36 -15.06 0.71 -13.71
CA LYS B 36 -16.14 1.57 -14.20
C LYS B 36 -16.44 1.38 -15.69
N ARG B 37 -15.69 0.52 -16.36
CA ARG B 37 -15.92 0.27 -17.78
C ARG B 37 -17.15 -0.61 -17.97
N PRO B 38 -17.77 -0.56 -19.16
CA PRO B 38 -18.96 -1.37 -19.44
C PRO B 38 -18.75 -2.85 -19.15
N GLY B 39 -19.63 -3.45 -18.36
CA GLY B 39 -19.60 -4.89 -18.16
C GLY B 39 -18.51 -5.41 -17.24
N MET B 40 -17.82 -4.50 -16.55
CA MET B 40 -16.81 -4.91 -15.59
C MET B 40 -17.42 -5.15 -14.22
N PRO B 41 -16.82 -6.09 -13.47
CA PRO B 41 -17.24 -6.34 -12.09
C PRO B 41 -16.79 -5.16 -11.23
N ASP B 42 -17.43 -4.98 -10.07
CA ASP B 42 -16.99 -3.95 -9.13
C ASP B 42 -15.70 -4.40 -8.45
N LYS B 43 -14.98 -3.47 -7.84
CA LYS B 43 -13.68 -3.78 -7.24
C LYS B 43 -13.77 -4.90 -6.21
N SER B 44 -14.83 -4.89 -5.40
CA SER B 44 -15.00 -5.91 -4.37
C SER B 44 -15.02 -7.29 -5.00
N THR B 45 -15.74 -7.40 -6.11
CA THR B 45 -15.81 -8.65 -6.86
C THR B 45 -14.44 -9.06 -7.41
N VAL B 46 -13.70 -8.10 -7.96
CA VAL B 46 -12.35 -8.42 -8.45
C VAL B 46 -11.48 -8.98 -7.33
N PHE B 47 -11.51 -8.34 -6.16
CA PHE B 47 -10.76 -8.85 -5.02
C PHE B 47 -11.22 -10.25 -4.60
N ALA B 48 -12.53 -10.47 -4.67
CA ALA B 48 -13.10 -11.77 -4.36
C ALA B 48 -12.60 -12.85 -5.33
N TRP B 49 -12.56 -12.51 -6.61
CA TRP B 49 -12.02 -13.42 -7.63
C TRP B 49 -10.56 -13.75 -7.34
N LEU B 50 -9.78 -12.70 -7.08
CA LEU B 50 -8.39 -12.86 -6.70
C LEU B 50 -8.23 -13.89 -5.57
N ALA B 51 -9.01 -13.72 -4.51
CA ALA B 51 -8.86 -14.55 -3.33
C ALA B 51 -8.97 -16.05 -3.61
N LYS B 52 -9.79 -16.44 -4.58
CA LYS B 52 -10.12 -17.85 -4.77
C LYS B 52 -9.66 -18.48 -6.08
N HIS B 53 -8.94 -17.72 -6.91
CA HIS B 53 -8.48 -18.23 -8.20
C HIS B 53 -7.00 -17.94 -8.46
N GLU B 54 -6.16 -18.95 -8.26
CA GLU B 54 -4.71 -18.77 -8.36
C GLU B 54 -4.25 -18.41 -9.77
N ASP B 55 -4.97 -18.87 -10.79
CA ASP B 55 -4.66 -18.49 -12.16
C ASP B 55 -4.80 -16.98 -12.36
N PHE B 56 -5.84 -16.40 -11.79
CA PHE B 56 -6.04 -14.95 -11.84
C PHE B 56 -4.95 -14.23 -11.03
N ARG B 57 -4.69 -14.71 -9.82
CA ARG B 57 -3.68 -14.07 -8.96
C ARG B 57 -2.32 -14.00 -9.64
N ASP B 58 -1.92 -15.08 -10.28
CA ASP B 58 -0.63 -15.11 -10.96
C ASP B 58 -0.58 -14.14 -12.12
N LYS B 59 -1.66 -14.07 -12.90
CA LYS B 59 -1.66 -13.19 -14.05
C LYS B 59 -1.82 -11.74 -13.59
N TYR B 60 -2.47 -11.55 -12.46
CA TYR B 60 -2.68 -10.21 -11.89
C TYR B 60 -1.36 -9.66 -11.36
N ALA B 61 -0.52 -10.52 -10.80
CA ALA B 61 0.80 -10.12 -10.33
C ALA B 61 1.70 -9.71 -11.49
N LYS B 62 1.64 -10.44 -12.59
CA LYS B 62 2.37 -10.06 -13.79
C LYS B 62 1.88 -8.71 -14.31
N ALA B 63 0.56 -8.51 -14.26
CA ALA B 63 -0.04 -7.28 -14.77
C ALA B 63 0.37 -6.07 -13.92
N THR B 64 0.59 -6.31 -12.64
CA THR B 64 1.00 -5.26 -11.71
C THR B 64 2.42 -4.77 -12.04
N GLU B 65 3.31 -5.71 -12.36
CA GLU B 65 4.66 -5.36 -12.83
C GLU B 65 4.63 -4.51 -14.10
N ALA B 66 3.80 -4.93 -15.07
CA ALA B 66 3.67 -4.19 -16.32
C ALA B 66 3.01 -2.85 -16.05
N ARG B 67 2.02 -2.84 -15.18
CA ARG B 67 1.34 -1.60 -14.79
C ARG B 67 2.36 -0.57 -14.29
N ALA B 68 3.30 -1.01 -13.47
CA ALA B 68 4.31 -0.09 -12.91
C ALA B 68 5.19 0.48 -14.02
N ASP B 69 5.60 -0.35 -14.97
CA ASP B 69 6.43 0.15 -16.06
C ASP B 69 5.69 1.20 -16.89
N SER B 70 4.38 1.04 -17.04
CA SER B 70 3.59 1.99 -17.80
C SER B 70 3.49 3.33 -17.04
N ILE B 71 3.25 3.25 -15.73
CA ILE B 71 3.11 4.43 -14.89
C ILE B 71 4.40 5.23 -14.84
N PHE B 72 5.53 4.52 -14.86
CA PHE B 72 6.85 5.16 -14.84
C PHE B 72 7.00 6.09 -16.02
N GLU B 73 6.45 5.70 -17.16
CA GLU B 73 6.53 6.59 -18.32
C GLU B 73 5.52 7.74 -18.18
N GLU B 74 4.36 7.42 -17.62
CA GLU B 74 3.27 8.38 -17.48
C GLU B 74 3.60 9.58 -16.61
N ILE B 75 4.43 9.38 -15.59
CA ILE B 75 4.68 10.49 -14.70
C ILE B 75 5.34 11.66 -15.43
N PHE B 76 6.17 11.38 -16.44
CA PHE B 76 6.80 12.47 -17.19
C PHE B 76 5.74 13.32 -17.88
N GLU B 77 4.77 12.65 -18.49
CA GLU B 77 3.71 13.34 -19.20
C GLU B 77 2.82 14.17 -18.28
N ILE B 78 2.48 13.63 -17.12
CA ILE B 78 1.64 14.38 -16.19
C ILE B 78 2.30 15.68 -15.78
N ALA B 79 3.62 15.64 -15.55
CA ALA B 79 4.34 16.84 -15.12
C ALA B 79 4.51 17.81 -16.28
N ASP B 80 4.95 17.29 -17.42
CA ASP B 80 5.32 18.15 -18.55
C ASP B 80 4.09 18.85 -19.14
N ASN B 81 2.94 18.20 -19.06
CA ASN B 81 1.73 18.72 -19.69
C ASN B 81 0.80 19.43 -18.72
N ALA B 82 1.25 19.62 -17.49
CA ALA B 82 0.45 20.30 -16.48
C ALA B 82 0.01 21.69 -16.95
N ILE B 83 -1.28 21.98 -16.82
CA ILE B 83 -1.79 23.32 -17.07
C ILE B 83 -1.16 24.28 -16.05
N PRO B 84 -0.56 25.38 -16.53
CA PRO B 84 0.18 26.32 -15.69
C PRO B 84 -0.74 27.18 -14.83
N ASP B 85 -1.59 26.53 -14.05
CA ASP B 85 -2.45 27.19 -13.08
C ASP B 85 -2.13 26.60 -11.72
N ALA B 86 -2.15 27.41 -10.67
CA ALA B 86 -1.70 26.97 -9.36
C ALA B 86 -2.36 25.67 -8.90
N ALA B 87 -3.69 25.61 -8.97
CA ALA B 87 -4.42 24.42 -8.56
C ALA B 87 -4.17 23.22 -9.46
N GLU B 88 -4.04 23.46 -10.76
CA GLU B 88 -3.80 22.38 -11.71
C GLU B 88 -2.40 21.78 -11.52
N VAL B 89 -1.43 22.63 -11.21
CA VAL B 89 -0.07 22.15 -10.95
C VAL B 89 -0.04 21.36 -9.64
N ALA B 90 -0.76 21.84 -8.64
CA ALA B 90 -0.86 21.13 -7.37
C ALA B 90 -1.48 19.75 -7.55
N LYS B 91 -2.51 19.66 -8.40
CA LYS B 91 -3.11 18.35 -8.70
C LYS B 91 -2.15 17.44 -9.47
N ALA B 92 -1.44 17.98 -10.45
CA ALA B 92 -0.46 17.21 -11.20
C ALA B 92 0.60 16.66 -10.24
N ARG B 93 1.06 17.51 -9.33
CA ARG B 93 2.02 17.09 -8.32
C ARG B 93 1.48 15.95 -7.49
N LEU B 94 0.24 16.07 -7.02
CA LEU B 94 -0.36 15.01 -6.23
C LEU B 94 -0.47 13.72 -7.05
N ARG B 95 -0.87 13.83 -8.31
CA ARG B 95 -0.98 12.65 -9.15
C ARG B 95 0.38 11.97 -9.34
N VAL B 96 1.43 12.78 -9.48
CA VAL B 96 2.76 12.24 -9.69
C VAL B 96 3.30 11.64 -8.40
N ASP B 97 3.15 12.36 -7.29
CA ASP B 97 3.61 11.86 -6.00
C ASP B 97 2.95 10.55 -5.61
N THR B 98 1.66 10.41 -5.91
CA THR B 98 0.93 9.19 -5.58
C THR B 98 1.49 8.01 -6.39
N ARG B 99 1.76 8.26 -7.65
CA ARG B 99 2.35 7.25 -8.52
C ARG B 99 3.76 6.87 -8.09
N LYS B 100 4.58 7.86 -7.74
CA LYS B 100 5.94 7.56 -7.29
C LYS B 100 5.90 6.62 -6.09
N TRP B 101 5.06 6.95 -5.13
CA TRP B 101 4.90 6.12 -3.93
C TRP B 101 4.43 4.71 -4.30
N ALA B 102 3.40 4.63 -5.13
CA ALA B 102 2.86 3.34 -5.54
C ALA B 102 3.86 2.47 -6.32
N LEU B 103 4.65 3.08 -7.19
CA LEU B 103 5.62 2.33 -7.99
C LEU B 103 6.59 1.55 -7.13
N ALA B 104 7.09 2.17 -6.06
CA ALA B 104 8.04 1.49 -5.19
C ALA B 104 7.40 0.24 -4.56
N ARG B 105 6.10 0.27 -4.30
CA ARG B 105 5.46 -0.91 -3.73
C ARG B 105 5.08 -1.96 -4.77
N MET B 106 4.82 -1.53 -5.99
CA MET B 106 4.48 -2.47 -7.04
C MET B 106 5.69 -3.28 -7.49
N ASN B 107 6.86 -2.63 -7.53
CA ASN B 107 8.10 -3.31 -7.88
C ASN B 107 9.26 -2.70 -7.08
N PRO B 108 9.43 -3.14 -5.83
CA PRO B 108 10.40 -2.55 -4.90
C PRO B 108 11.82 -2.60 -5.42
N ARG B 109 12.16 -3.69 -6.09
CA ARG B 109 13.52 -3.88 -6.57
C ARG B 109 13.89 -2.85 -7.63
N LYS B 110 12.95 -2.58 -8.52
CA LYS B 110 13.17 -1.63 -9.60
C LYS B 110 12.94 -0.17 -9.18
N TYR B 111 11.89 0.08 -8.42
CA TYR B 111 11.44 1.45 -8.20
C TYR B 111 11.59 1.95 -6.78
N GLY B 112 12.14 1.14 -5.88
CA GLY B 112 12.45 1.62 -4.54
C GLY B 112 13.54 2.68 -4.58
N ASP B 113 13.76 3.34 -3.44
CA ASP B 113 14.80 4.34 -3.31
C ASP B 113 16.16 3.69 -3.49
N LYS B 114 17.13 4.49 -3.95
CA LYS B 114 18.47 4.02 -4.22
C LYS B 114 19.44 4.91 -3.46
N VAL B 115 20.26 4.31 -2.60
CA VAL B 115 21.22 5.07 -1.82
C VAL B 115 22.55 4.34 -1.86
N THR B 116 23.65 5.09 -1.97
CA THR B 116 24.98 4.49 -1.78
C THR B 116 25.54 5.08 -0.49
N ASN B 117 25.81 4.23 0.50
CA ASN B 117 26.34 4.72 1.79
C ASN B 117 27.81 4.38 1.87
N GLU B 118 28.65 5.42 1.94
CA GLU B 118 30.08 5.22 2.16
C GLU B 118 30.24 5.17 3.67
N LEU B 119 30.63 4.00 4.18
CA LEU B 119 30.71 3.77 5.62
C LEU B 119 32.15 3.93 6.09
N VAL B 120 32.36 4.84 7.03
CA VAL B 120 33.68 5.09 7.62
C VAL B 120 33.54 5.16 9.14
N GLY B 121 34.68 5.17 9.83
CA GLY B 121 34.67 5.24 11.28
C GLY B 121 35.14 6.56 11.84
N LYS B 122 35.40 6.57 13.14
CA LYS B 122 35.82 7.75 13.87
C LYS B 122 36.90 8.53 13.13
N ASP B 123 36.64 9.82 12.93
CA ASP B 123 37.60 10.74 12.30
C ASP B 123 37.98 10.30 10.90
N GLY B 124 37.11 9.53 10.25
CA GLY B 124 37.34 9.10 8.89
C GLY B 124 38.25 7.89 8.76
N GLY B 125 38.62 7.29 9.90
CA GLY B 125 39.39 6.07 9.90
C GLY B 125 38.54 4.82 9.83
N ALA B 126 39.08 3.70 10.32
CA ALA B 126 38.32 2.45 10.34
C ALA B 126 37.16 2.52 11.36
N ILE B 127 36.12 1.76 11.11
CA ILE B 127 35.01 1.63 12.06
C ILE B 127 35.54 0.85 13.24
N GLN B 128 35.44 1.42 14.44
CA GLN B 128 35.99 0.83 15.66
C GLN B 128 34.93 0.04 16.40
N ILE B 129 35.16 -1.26 16.59
CA ILE B 129 34.20 -2.11 17.27
C ILE B 129 34.85 -2.81 18.46
N GLU B 130 34.17 -2.77 19.59
CA GLU B 130 34.63 -3.44 20.80
C GLU B 130 33.57 -4.45 21.21
N THR B 131 33.97 -5.72 21.27
CA THR B 131 33.03 -6.76 21.66
C THR B 131 33.25 -7.14 23.13
N SER B 132 32.17 -7.48 23.82
CA SER B 132 32.23 -7.82 25.23
C SER B 132 31.29 -8.99 25.47
N PRO B 133 31.50 -9.71 26.58
CA PRO B 133 30.54 -10.77 26.93
C PRO B 133 29.22 -10.13 27.36
N MET B 134 28.11 -10.84 27.20
CA MET B 134 26.82 -10.27 27.60
C MET B 134 26.87 -9.82 29.07
N SER B 135 26.25 -8.67 29.34
CA SER B 135 26.23 -8.13 30.69
C SER B 135 24.84 -8.26 31.30
N THR B 136 23.87 -8.65 30.48
CA THR B 136 22.51 -8.93 30.93
C THR B 136 22.00 -10.17 30.23
N LEU B 137 20.90 -10.75 30.73
CA LEU B 137 20.31 -11.95 30.17
C LEU B 137 19.38 -11.62 29.00
N PHE B 138 19.93 -11.47 27.80
CA PHE B 138 19.10 -11.14 26.65
C PHE B 138 18.88 -12.29 25.66
N GLY B 139 19.49 -13.44 25.96
CA GLY B 139 19.37 -14.61 25.10
C GLY B 139 17.97 -15.20 25.08
#